data_5M3I
#
_entry.id   5M3I
#
_cell.length_a   68.840
_cell.length_b   75.450
_cell.length_c   116.120
_cell.angle_alpha   90.00
_cell.angle_beta   90.00
_cell.angle_gamma   90.00
#
_symmetry.space_group_name_H-M   'P 21 21 21'
#
loop_
_entity.id
_entity.type
_entity.pdbx_description
1 polymer 'RNase III inhibitor'
2 non-polymer 'CHLORIDE ION'
3 water water
#
_entity_poly.entity_id   1
_entity_poly.type   'polypeptide(L)'
_entity_poly.pdbx_seq_one_letter_code
;MGHHHHHHGGMITYGSGDLLRADTEALVNTVNCVGVMGKGIALQFKRRYPEMFTAYEKACKRGEVTIGKMFVVDTGQLDG
PKHIINFPTKKHWRAPSKLAYIDAGLIDLIRVIRELNIASVAVPPLGVGNGGLDWEDVEQRLVSAFQQLPDVDAVIYPPS
GGSRA
;
_entity_poly.pdbx_strand_id   A,B,C,D
#
loop_
_chem_comp.id
_chem_comp.type
_chem_comp.name
_chem_comp.formula
CL non-polymer 'CHLORIDE ION' 'Cl -1'
#
# COMPACT_ATOMS: atom_id res chain seq x y z
N GLY A 9 -1.13 6.53 -10.41
CA GLY A 9 0.06 5.84 -11.01
C GLY A 9 -0.23 4.44 -11.56
N GLY A 10 0.53 3.44 -11.13
CA GLY A 10 0.30 2.04 -11.53
C GLY A 10 -0.87 1.39 -10.78
N MET A 11 -1.65 0.60 -11.49
CA MET A 11 -2.81 -0.11 -10.95
C MET A 11 -2.59 -1.63 -11.01
N ILE A 12 -3.13 -2.34 -10.04
CA ILE A 12 -3.23 -3.79 -10.11
C ILE A 12 -4.68 -4.13 -10.45
N THR A 13 -4.92 -4.70 -11.61
CA THR A 13 -6.26 -4.96 -12.09
C THR A 13 -6.56 -6.45 -12.28
N TYR A 14 -7.84 -6.78 -12.31
CA TYR A 14 -8.33 -8.19 -12.43
C TYR A 14 -8.46 -8.47 -13.91
N GLY A 15 -7.70 -9.42 -14.42
CA GLY A 15 -7.72 -9.68 -15.87
C GLY A 15 -8.86 -10.66 -16.18
N SER A 16 -9.36 -10.64 -17.39
CA SER A 16 -10.17 -11.73 -17.86
C SER A 16 -10.00 -11.98 -19.32
N GLY A 17 -10.39 -13.18 -19.72
CA GLY A 17 -10.21 -13.64 -21.07
C GLY A 17 -8.81 -14.19 -21.21
N ASP A 18 -8.27 -14.05 -22.40
CA ASP A 18 -7.06 -14.71 -22.81
C ASP A 18 -5.87 -13.80 -22.46
N LEU A 19 -5.05 -14.28 -21.54
CA LEU A 19 -3.82 -13.59 -21.18
C LEU A 19 -2.96 -13.18 -22.38
N LEU A 20 -2.84 -14.02 -23.39
CA LEU A 20 -2.02 -13.71 -24.55
C LEU A 20 -2.52 -12.50 -25.36
N ARG A 21 -3.76 -12.08 -25.15
CA ARG A 21 -4.28 -10.88 -25.81
C ARG A 21 -4.22 -9.66 -24.92
N ALA A 22 -3.54 -9.76 -23.80
CA ALA A 22 -3.41 -8.62 -22.91
C ALA A 22 -2.68 -7.50 -23.63
N ASP A 23 -3.11 -6.28 -23.36
CA ASP A 23 -2.51 -5.10 -23.96
C ASP A 23 -1.44 -4.56 -23.00
N THR A 24 -0.40 -5.35 -22.79
CA THR A 24 0.67 -5.00 -21.87
C THR A 24 2.00 -5.11 -22.57
N GLU A 25 2.98 -4.50 -21.94
CA GLU A 25 4.34 -4.48 -22.47
C GLU A 25 5.04 -5.82 -22.28
N ALA A 26 4.72 -6.54 -21.18
CA ALA A 26 5.24 -7.88 -20.93
C ALA A 26 4.11 -8.87 -20.63
N LEU A 27 4.36 -10.12 -20.99
CA LEU A 27 3.50 -11.22 -20.58
C LEU A 27 4.32 -12.19 -19.79
N VAL A 28 3.77 -12.70 -18.68
CA VAL A 28 4.38 -13.79 -17.93
C VAL A 28 3.82 -15.18 -18.31
N ASN A 29 4.73 -16.10 -18.56
CA ASN A 29 4.44 -17.47 -18.87
C ASN A 29 4.95 -18.33 -17.67
N THR A 30 4.31 -19.47 -17.40
CA THR A 30 4.73 -20.37 -16.33
C THR A 30 5.36 -21.57 -16.99
N VAL A 31 6.58 -21.88 -16.56
CA VAL A 31 7.36 -22.93 -17.19
C VAL A 31 8.01 -23.87 -16.19
N ASN A 32 8.41 -25.03 -16.72
CA ASN A 32 9.28 -25.96 -16.07
C ASN A 32 10.72 -25.73 -16.56
N CYS A 33 11.68 -26.39 -15.89
CA CYS A 33 13.11 -26.26 -16.19
C CYS A 33 13.68 -27.32 -17.15
N VAL A 34 12.83 -28.16 -17.75
CA VAL A 34 13.31 -29.25 -18.56
C VAL A 34 12.90 -29.11 -20.02
N GLY A 35 12.51 -27.92 -20.44
CA GLY A 35 12.43 -27.62 -21.84
C GLY A 35 11.15 -28.03 -22.54
N VAL A 36 10.07 -28.14 -21.80
CA VAL A 36 8.81 -28.65 -22.36
C VAL A 36 7.68 -27.72 -22.03
N MET A 37 7.04 -27.23 -23.06
CA MET A 37 5.81 -26.43 -22.96
C MET A 37 4.72 -27.23 -23.70
N GLY A 38 4.15 -28.19 -23.00
CA GLY A 38 3.28 -29.19 -23.59
C GLY A 38 1.81 -29.05 -23.28
N LYS A 39 1.43 -28.31 -22.24
CA LYS A 39 0.00 -28.06 -21.99
C LYS A 39 -0.21 -26.69 -21.36
N GLY A 40 -1.47 -26.33 -21.19
CA GLY A 40 -1.87 -25.14 -20.49
C GLY A 40 -1.37 -23.90 -21.19
N ILE A 41 -1.14 -22.88 -20.42
CA ILE A 41 -0.83 -21.57 -21.00
C ILE A 41 0.54 -21.59 -21.70
N ALA A 42 1.45 -22.38 -21.19
CA ALA A 42 2.77 -22.57 -21.83
C ALA A 42 2.65 -23.10 -23.26
N LEU A 43 1.74 -24.03 -23.49
CA LEU A 43 1.49 -24.51 -24.85
C LEU A 43 1.08 -23.35 -25.74
N GLN A 44 0.16 -22.49 -25.26
CA GLN A 44 -0.30 -21.36 -26.06
CA GLN A 44 -0.32 -21.36 -26.06
C GLN A 44 0.87 -20.42 -26.35
N PHE A 45 1.74 -20.20 -25.37
CA PHE A 45 2.94 -19.37 -25.61
C PHE A 45 3.89 -19.98 -26.65
N LYS A 46 4.06 -21.29 -26.63
CA LYS A 46 4.88 -21.97 -27.63
C LYS A 46 4.32 -21.79 -29.06
N ARG A 47 3.02 -21.86 -29.20
CA ARG A 47 2.39 -21.77 -30.52
C ARG A 47 2.46 -20.34 -31.07
N ARG A 48 2.40 -19.37 -30.19
CA ARG A 48 2.45 -17.98 -30.61
C ARG A 48 3.88 -17.45 -30.83
N TYR A 49 4.85 -17.94 -30.02
CA TYR A 49 6.21 -17.45 -30.05
C TYR A 49 7.21 -18.59 -30.22
N PRO A 50 7.22 -19.21 -31.40
CA PRO A 50 8.07 -20.40 -31.61
C PRO A 50 9.58 -20.17 -31.41
N GLU A 51 10.05 -18.96 -31.72
CA GLU A 51 11.47 -18.60 -31.56
C GLU A 51 11.83 -18.49 -30.10
N MET A 52 10.92 -17.90 -29.34
CA MET A 52 11.00 -17.86 -27.88
C MET A 52 11.14 -19.27 -27.35
N PHE A 53 10.29 -20.21 -27.79
CA PHE A 53 10.40 -21.61 -27.30
C PHE A 53 11.75 -22.23 -27.60
N THR A 54 12.22 -22.03 -28.83
CA THR A 54 13.49 -22.59 -29.28
C THR A 54 14.58 -22.08 -28.37
N ALA A 55 14.53 -20.79 -28.00
CA ALA A 55 15.54 -20.22 -27.12
C ALA A 55 15.46 -20.82 -25.72
N TYR A 56 14.25 -20.87 -25.17
CA TYR A 56 13.93 -21.56 -23.89
C TYR A 56 14.38 -23.01 -23.83
N GLU A 57 14.15 -23.75 -24.90
CA GLU A 57 14.55 -25.15 -24.97
C GLU A 57 16.06 -25.29 -24.95
N LYS A 58 16.76 -24.43 -25.69
CA LYS A 58 18.23 -24.45 -25.65
C LYS A 58 18.75 -24.17 -24.25
N ALA A 59 18.20 -23.13 -23.63
CA ALA A 59 18.59 -22.75 -22.28
C ALA A 59 18.31 -23.85 -21.26
N CYS A 60 17.21 -24.57 -21.44
CA CYS A 60 16.90 -25.66 -20.52
C CYS A 60 17.90 -26.82 -20.65
N LYS A 61 18.29 -27.16 -21.89
CA LYS A 61 19.26 -28.25 -22.15
C LYS A 61 20.59 -27.91 -21.53
N ARG A 62 20.93 -26.63 -21.54
CA ARG A 62 22.19 -26.21 -20.94
C ARG A 62 22.12 -25.94 -19.43
N GLY A 63 20.98 -26.17 -18.78
CA GLY A 63 20.86 -25.91 -17.34
C GLY A 63 20.76 -24.42 -16.91
N GLU A 64 20.39 -23.55 -17.82
CA GLU A 64 20.35 -22.09 -17.56
C GLU A 64 19.01 -21.62 -16.94
N VAL A 65 17.97 -22.44 -17.08
CA VAL A 65 16.65 -22.15 -16.48
C VAL A 65 16.55 -22.86 -15.13
N THR A 66 16.31 -22.08 -14.07
CA THR A 66 16.20 -22.55 -12.72
C THR A 66 15.11 -21.82 -11.95
N ILE A 67 14.63 -22.47 -10.89
CA ILE A 67 13.76 -21.83 -9.92
C ILE A 67 14.42 -20.54 -9.42
N GLY A 68 13.68 -19.44 -9.44
CA GLY A 68 14.07 -18.20 -8.79
C GLY A 68 14.68 -17.19 -9.75
N LYS A 69 14.69 -17.53 -11.03
CA LYS A 69 15.31 -16.75 -12.06
C LYS A 69 14.39 -16.73 -13.29
N MET A 70 13.98 -15.55 -13.71
CA MET A 70 13.22 -15.41 -14.90
C MET A 70 14.10 -15.75 -16.11
N PHE A 71 13.51 -16.38 -17.12
CA PHE A 71 14.10 -16.46 -18.43
C PHE A 71 13.37 -15.54 -19.41
N VAL A 72 14.00 -14.43 -19.79
CA VAL A 72 13.31 -13.36 -20.50
C VAL A 72 13.69 -13.35 -21.97
N VAL A 73 12.72 -13.19 -22.84
CA VAL A 73 12.97 -13.09 -24.28
C VAL A 73 12.20 -11.90 -24.85
N ASP A 74 12.83 -11.20 -25.81
CA ASP A 74 12.16 -10.12 -26.56
C ASP A 74 11.41 -10.68 -27.71
N THR A 75 10.19 -10.23 -27.89
CA THR A 75 9.36 -10.68 -29.01
C THR A 75 9.77 -10.05 -30.33
N GLY A 76 10.25 -8.80 -30.29
CA GLY A 76 10.55 -8.04 -31.51
C GLY A 76 9.33 -7.58 -32.31
N GLN A 77 8.18 -7.48 -31.65
CA GLN A 77 6.92 -7.16 -32.27
C GLN A 77 6.71 -5.67 -32.18
N LEU A 78 6.37 -5.06 -33.31
CA LEU A 78 6.02 -3.66 -33.39
C LEU A 78 4.73 -3.36 -32.63
N ASP A 79 3.81 -4.31 -32.70
CA ASP A 79 2.53 -4.23 -32.03
C ASP A 79 2.43 -5.27 -30.91
N GLY A 80 2.00 -4.85 -29.72
CA GLY A 80 1.81 -5.77 -28.62
C GLY A 80 3.08 -6.04 -27.81
N PRO A 81 3.09 -7.14 -27.06
CA PRO A 81 4.04 -7.34 -25.97
C PRO A 81 5.44 -7.39 -26.48
N LYS A 82 6.33 -6.66 -25.81
CA LYS A 82 7.75 -6.63 -26.16
C LYS A 82 8.55 -7.72 -25.50
N HIS A 83 8.12 -8.20 -24.32
CA HIS A 83 8.85 -9.21 -23.56
C HIS A 83 7.96 -10.36 -23.11
N ILE A 84 8.51 -11.57 -23.19
CA ILE A 84 7.94 -12.72 -22.56
C ILE A 84 8.83 -13.06 -21.38
N ILE A 85 8.26 -13.06 -20.19
CA ILE A 85 8.96 -13.40 -18.96
C ILE A 85 8.52 -14.80 -18.57
N ASN A 86 9.40 -15.77 -18.79
CA ASN A 86 9.11 -17.15 -18.45
C ASN A 86 9.48 -17.37 -17.01
N PHE A 87 8.47 -17.61 -16.19
CA PHE A 87 8.61 -17.74 -14.72
C PHE A 87 8.59 -19.22 -14.39
N PRO A 88 9.72 -19.77 -13.86
CA PRO A 88 9.68 -21.22 -13.52
C PRO A 88 8.87 -21.50 -12.29
N THR A 89 7.83 -22.29 -12.45
CA THR A 89 6.95 -22.68 -11.37
C THR A 89 7.23 -24.14 -10.96
N LYS A 90 8.04 -24.83 -11.74
CA LYS A 90 8.36 -26.24 -11.51
C LYS A 90 9.76 -26.53 -12.00
N LYS A 91 10.34 -27.60 -11.44
CA LYS A 91 11.58 -28.17 -11.93
C LYS A 91 11.25 -29.09 -13.10
N HIS A 92 10.99 -30.36 -12.79
CA HIS A 92 10.46 -31.29 -13.79
CA HIS A 92 10.49 -31.37 -13.74
C HIS A 92 8.96 -31.11 -13.83
N TRP A 93 8.36 -31.28 -15.00
CA TRP A 93 6.87 -31.16 -15.16
C TRP A 93 6.05 -32.25 -14.47
N ARG A 94 6.62 -33.43 -14.40
CA ARG A 94 6.16 -34.50 -13.53
C ARG A 94 5.81 -34.05 -12.08
N ALA A 95 6.58 -33.11 -11.51
CA ALA A 95 6.44 -32.74 -10.09
C ALA A 95 5.56 -31.53 -9.96
N PRO A 96 4.95 -31.33 -8.77
CA PRO A 96 4.16 -30.13 -8.56
C PRO A 96 4.96 -28.87 -8.26
N SER A 97 4.25 -27.76 -8.22
CA SER A 97 4.83 -26.48 -7.93
C SER A 97 4.84 -26.37 -6.42
N LYS A 98 5.50 -25.33 -5.91
CA LYS A 98 5.54 -25.02 -4.48
C LYS A 98 5.58 -23.55 -4.25
N LEU A 99 5.04 -23.12 -3.13
CA LEU A 99 4.99 -21.72 -2.75
C LEU A 99 6.36 -21.08 -2.66
N ALA A 100 7.32 -21.85 -2.19
CA ALA A 100 8.72 -21.39 -2.15
C ALA A 100 9.28 -21.04 -3.56
N TYR A 101 8.84 -21.76 -4.59
CA TYR A 101 9.24 -21.45 -5.95
C TYR A 101 8.67 -20.11 -6.45
N ILE A 102 7.45 -19.80 -5.99
CA ILE A 102 6.75 -18.62 -6.36
C ILE A 102 7.42 -17.44 -5.63
N ASP A 103 7.68 -17.61 -4.34
CA ASP A 103 8.40 -16.58 -3.56
C ASP A 103 9.71 -16.20 -4.21
N ALA A 104 10.47 -17.20 -4.62
CA ALA A 104 11.80 -16.97 -5.15
C ALA A 104 11.72 -16.32 -6.54
N GLY A 105 10.84 -16.81 -7.37
CA GLY A 105 10.61 -16.20 -8.67
C GLY A 105 10.13 -14.74 -8.65
N LEU A 106 9.26 -14.41 -7.71
CA LEU A 106 8.73 -13.07 -7.61
C LEU A 106 9.82 -12.08 -7.33
N ILE A 107 10.78 -12.47 -6.51
CA ILE A 107 11.91 -11.61 -6.25
C ILE A 107 12.55 -11.22 -7.60
N ASP A 108 12.83 -12.21 -8.46
CA ASP A 108 13.51 -11.90 -9.70
C ASP A 108 12.56 -11.25 -10.70
N LEU A 109 11.28 -11.56 -10.64
CA LEU A 109 10.33 -10.91 -11.52
C LEU A 109 10.34 -9.39 -11.27
N ILE A 110 10.37 -8.97 -10.01
CA ILE A 110 10.40 -7.56 -9.67
C ILE A 110 11.69 -6.95 -10.20
N ARG A 111 12.80 -7.62 -9.96
CA ARG A 111 14.09 -7.14 -10.40
C ARG A 111 14.10 -6.95 -11.93
N VAL A 112 13.53 -7.88 -12.66
CA VAL A 112 13.57 -7.82 -14.10
C VAL A 112 12.70 -6.66 -14.64
N ILE A 113 11.54 -6.44 -14.02
CA ILE A 113 10.64 -5.39 -14.43
C ILE A 113 11.34 -4.04 -14.25
N ARG A 114 12.06 -3.89 -13.14
CA ARG A 114 12.81 -2.65 -12.85
C ARG A 114 13.92 -2.45 -13.86
N GLU A 115 14.74 -3.48 -13.99
CA GLU A 115 15.87 -3.43 -14.90
C GLU A 115 15.52 -3.15 -16.35
N LEU A 116 14.41 -3.70 -16.83
CA LEU A 116 13.97 -3.45 -18.21
C LEU A 116 12.99 -2.27 -18.35
N ASN A 117 12.70 -1.59 -17.24
CA ASN A 117 11.77 -0.49 -17.24
C ASN A 117 10.42 -0.83 -17.86
N ILE A 118 9.90 -2.02 -17.51
CA ILE A 118 8.62 -2.46 -18.03
C ILE A 118 7.52 -1.63 -17.33
N ALA A 119 6.63 -1.03 -18.12
CA ALA A 119 5.50 -0.21 -17.61
C ALA A 119 4.24 -1.04 -17.25
N SER A 120 4.11 -2.22 -17.86
CA SER A 120 2.92 -2.99 -17.68
C SER A 120 3.22 -4.47 -17.91
N VAL A 121 2.56 -5.32 -17.13
CA VAL A 121 2.71 -6.75 -17.24
C VAL A 121 1.39 -7.51 -16.95
N ALA A 122 1.19 -8.62 -17.65
CA ALA A 122 0.04 -9.51 -17.43
C ALA A 122 0.57 -10.76 -16.83
N VAL A 123 -0.09 -11.22 -15.77
CA VAL A 123 0.39 -12.36 -14.99
C VAL A 123 -0.71 -13.44 -14.85
N PRO A 124 -0.39 -14.70 -15.13
CA PRO A 124 -1.33 -15.80 -14.96
C PRO A 124 -1.32 -16.31 -13.54
N PRO A 125 -2.21 -17.23 -13.20
CA PRO A 125 -2.26 -17.73 -11.84
C PRO A 125 -1.15 -18.75 -11.58
N LEU A 126 0.02 -18.26 -11.20
CA LEU A 126 1.25 -19.01 -11.18
C LEU A 126 1.15 -20.28 -10.33
N GLY A 127 1.38 -21.43 -10.95
CA GLY A 127 1.37 -22.69 -10.25
C GLY A 127 0.01 -23.20 -9.77
N VAL A 128 -1.09 -22.59 -10.19
CA VAL A 128 -2.43 -23.04 -9.81
C VAL A 128 -2.99 -23.98 -10.87
N GLY A 129 -3.60 -25.08 -10.46
CA GLY A 129 -4.17 -26.06 -11.40
C GLY A 129 -3.10 -27.08 -11.78
N ASN A 130 -2.37 -26.80 -12.87
CA ASN A 130 -1.20 -27.62 -13.29
C ASN A 130 -0.25 -27.93 -12.12
N GLY A 131 0.10 -26.90 -11.35
CA GLY A 131 1.04 -27.05 -10.25
C GLY A 131 0.47 -27.42 -8.90
N GLY A 132 -0.85 -27.38 -8.75
CA GLY A 132 -1.54 -27.74 -7.52
C GLY A 132 -1.52 -26.74 -6.37
N LEU A 133 -1.17 -25.47 -6.60
CA LEU A 133 -1.19 -24.45 -5.49
C LEU A 133 -2.59 -23.83 -5.27
N ASP A 134 -2.81 -23.26 -4.10
CA ASP A 134 -4.05 -22.56 -3.78
C ASP A 134 -4.04 -21.12 -4.36
N TRP A 135 -5.08 -20.76 -5.10
CA TRP A 135 -5.15 -19.43 -5.75
C TRP A 135 -4.96 -18.30 -4.75
N GLU A 136 -5.70 -18.35 -3.68
CA GLU A 136 -5.73 -17.27 -2.73
C GLU A 136 -4.33 -17.04 -2.17
N ASP A 137 -3.56 -18.11 -2.01
CA ASP A 137 -2.18 -18.00 -1.53
C ASP A 137 -1.29 -17.23 -2.53
N VAL A 138 -1.41 -17.65 -3.79
CA VAL A 138 -0.61 -17.10 -4.87
C VAL A 138 -1.06 -15.67 -5.15
N GLU A 139 -2.36 -15.41 -5.15
CA GLU A 139 -2.89 -14.06 -5.35
C GLU A 139 -2.35 -13.06 -4.31
N GLN A 140 -2.29 -13.47 -3.04
CA GLN A 140 -1.66 -12.63 -1.99
C GLN A 140 -0.24 -12.25 -2.35
N ARG A 141 0.53 -13.24 -2.76
CA ARG A 141 1.93 -12.99 -3.07
C ARG A 141 2.09 -12.11 -4.28
N LEU A 142 1.30 -12.36 -5.28
CA LEU A 142 1.34 -11.53 -6.48
C LEU A 142 1.04 -10.08 -6.15
N VAL A 143 -0.02 -9.85 -5.37
CA VAL A 143 -0.44 -8.49 -5.07
C VAL A 143 0.67 -7.81 -4.29
N SER A 144 1.22 -8.52 -3.30
CA SER A 144 2.33 -8.02 -2.45
C SER A 144 3.51 -7.63 -3.28
N ALA A 145 3.88 -8.50 -4.21
CA ALA A 145 5.04 -8.21 -5.04
C ALA A 145 4.87 -6.92 -5.87
N PHE A 146 3.69 -6.74 -6.45
CA PHE A 146 3.41 -5.58 -7.31
C PHE A 146 3.15 -4.29 -6.56
N GLN A 147 2.82 -4.37 -5.28
CA GLN A 147 2.85 -3.18 -4.48
C GLN A 147 4.27 -2.56 -4.32
N GLN A 148 5.33 -3.34 -4.57
CA GLN A 148 6.67 -2.79 -4.64
C GLN A 148 6.98 -2.13 -5.98
N LEU A 149 6.06 -2.17 -6.93
CA LEU A 149 6.24 -1.51 -8.21
C LEU A 149 5.07 -0.56 -8.45
N PRO A 150 5.00 0.53 -7.66
CA PRO A 150 3.84 1.43 -7.71
C PRO A 150 3.61 2.14 -9.04
N ASP A 151 4.59 2.20 -9.93
CA ASP A 151 4.38 2.78 -11.28
C ASP A 151 4.16 1.75 -12.41
N VAL A 152 3.96 0.48 -12.06
CA VAL A 152 3.75 -0.57 -13.06
C VAL A 152 2.26 -0.95 -13.04
N ASP A 153 1.65 -1.11 -14.20
CA ASP A 153 0.29 -1.69 -14.28
C ASP A 153 0.43 -3.16 -14.32
N ALA A 154 -0.24 -3.83 -13.41
CA ALA A 154 -0.18 -5.29 -13.39
C ALA A 154 -1.60 -5.76 -13.62
N VAL A 155 -1.79 -6.59 -14.62
CA VAL A 155 -3.06 -7.28 -14.83
C VAL A 155 -2.89 -8.74 -14.39
N ILE A 156 -3.63 -9.13 -13.36
CA ILE A 156 -3.59 -10.46 -12.81
C ILE A 156 -4.82 -11.26 -13.23
N TYR A 157 -4.59 -12.38 -13.90
CA TYR A 157 -5.62 -13.28 -14.45
C TYR A 157 -5.93 -14.42 -13.48
N PRO A 158 -7.17 -14.47 -12.96
CA PRO A 158 -7.48 -15.57 -12.03
C PRO A 158 -7.65 -16.91 -12.76
N PRO A 159 -7.78 -18.02 -12.02
CA PRO A 159 -7.97 -19.34 -12.66
C PRO A 159 -9.22 -19.36 -13.51
N SER A 160 -9.08 -19.91 -14.71
CA SER A 160 -10.11 -19.86 -15.75
C SER A 160 -10.93 -21.15 -15.91
N GLY B 9 3.95 16.64 23.43
CA GLY B 9 5.13 15.92 22.85
C GLY B 9 4.81 14.48 22.46
N GLY B 10 5.61 13.53 22.94
CA GLY B 10 5.36 12.11 22.71
C GLY B 10 4.23 11.56 23.58
N MET B 11 3.41 10.72 22.98
CA MET B 11 2.31 10.05 23.67
C MET B 11 2.53 8.52 23.75
N ILE B 12 2.05 7.89 24.81
CA ILE B 12 1.94 6.42 24.87
C ILE B 12 0.46 6.07 24.66
N THR B 13 0.15 5.43 23.54
CA THR B 13 -1.24 5.18 23.14
C THR B 13 -1.56 3.67 23.05
N TYR B 14 -2.83 3.36 23.12
CA TYR B 14 -3.33 1.98 23.05
C TYR B 14 -3.53 1.64 21.61
N GLY B 15 -2.79 0.68 21.11
CA GLY B 15 -2.92 0.30 19.72
C GLY B 15 -4.06 -0.69 19.57
N SER B 16 -4.63 -0.78 18.36
CA SER B 16 -5.51 -1.90 18.05
C SER B 16 -5.48 -2.25 16.59
N GLY B 17 -5.87 -3.48 16.31
CA GLY B 17 -5.70 -4.06 15.00
C GLY B 17 -4.30 -4.61 14.85
N ASP B 18 -3.82 -4.60 13.61
CA ASP B 18 -2.64 -5.34 13.20
C ASP B 18 -1.44 -4.47 13.37
N LEU B 19 -0.56 -4.87 14.29
CA LEU B 19 0.68 -4.15 14.55
C LEU B 19 1.48 -3.84 13.28
N LEU B 20 1.51 -4.75 12.33
CA LEU B 20 2.28 -4.51 11.10
C LEU B 20 1.74 -3.38 10.23
N ARG B 21 0.51 -2.97 10.48
CA ARG B 21 -0.04 -1.82 9.76
C ARG B 21 0.06 -0.53 10.55
N ALA B 22 0.82 -0.53 11.63
CA ALA B 22 1.00 0.67 12.42
C ALA B 22 1.73 1.72 11.58
N ASP B 23 1.34 2.98 11.77
CA ASP B 23 1.90 4.09 11.02
C ASP B 23 3.00 4.68 11.87
N THR B 24 4.05 3.90 12.08
CA THR B 24 5.13 4.32 12.93
C THR B 24 6.47 4.17 12.19
N GLU B 25 7.47 4.82 12.72
CA GLU B 25 8.81 4.77 12.15
C GLU B 25 9.52 3.43 12.41
N ALA B 26 9.25 2.78 13.57
CA ALA B 26 9.74 1.47 13.88
C ALA B 26 8.63 0.52 14.26
N LEU B 27 8.86 -0.77 14.02
CA LEU B 27 8.01 -1.83 14.57
C LEU B 27 8.86 -2.75 15.39
N VAL B 28 8.34 -3.17 16.55
CA VAL B 28 8.99 -4.18 17.35
C VAL B 28 8.42 -5.59 17.13
N ASN B 29 9.33 -6.53 16.93
CA ASN B 29 9.03 -7.94 16.72
C ASN B 29 9.60 -8.71 17.91
N THR B 30 8.97 -9.84 18.27
CA THR B 30 9.40 -10.66 19.41
C THR B 30 9.98 -11.91 18.85
N VAL B 31 11.23 -12.20 19.22
CA VAL B 31 11.99 -13.30 18.64
C VAL B 31 12.70 -14.16 19.67
N ASN B 32 13.09 -15.33 19.20
CA ASN B 32 13.97 -16.23 19.89
C ASN B 32 15.38 -16.03 19.32
N CYS B 33 16.37 -16.61 20.02
CA CYS B 33 17.77 -16.51 19.63
C CYS B 33 18.29 -17.66 18.72
N VAL B 34 17.41 -18.53 18.24
CA VAL B 34 17.86 -19.68 17.46
C VAL B 34 17.39 -19.67 16.00
N GLY B 35 16.98 -18.52 15.52
CA GLY B 35 16.84 -18.31 14.08
C GLY B 35 15.54 -18.81 13.50
N VAL B 36 14.49 -18.86 14.31
CA VAL B 36 13.20 -19.38 13.85
C VAL B 36 12.07 -18.39 14.16
N MET B 37 11.37 -17.98 13.11
CA MET B 37 10.16 -17.17 13.22
C MET B 37 9.04 -18.01 12.61
N GLY B 38 8.48 -18.91 13.42
CA GLY B 38 7.58 -19.95 12.93
C GLY B 38 6.13 -19.77 13.29
N LYS B 39 5.80 -18.95 14.29
CA LYS B 39 4.39 -18.70 14.59
C LYS B 39 4.20 -17.31 15.16
N GLY B 40 2.94 -16.94 15.35
CA GLY B 40 2.59 -15.66 15.96
C GLY B 40 3.06 -14.48 15.15
N ILE B 41 3.33 -13.39 15.84
CA ILE B 41 3.63 -12.13 15.15
C ILE B 41 4.96 -12.22 14.39
N ALA B 42 5.90 -12.98 14.91
CA ALA B 42 7.17 -13.22 14.22
C ALA B 42 6.97 -13.85 12.84
N LEU B 43 6.03 -14.79 12.72
CA LEU B 43 5.73 -15.38 11.41
C LEU B 43 5.26 -14.30 10.45
N GLN B 44 4.38 -13.42 10.92
CA GLN B 44 3.88 -12.33 10.07
C GLN B 44 5.06 -11.41 9.65
N PHE B 45 5.99 -11.11 10.57
CA PHE B 45 7.19 -10.31 10.21
C PHE B 45 8.07 -11.01 9.15
N LYS B 46 8.24 -12.31 9.28
CA LYS B 46 9.01 -13.09 8.29
C LYS B 46 8.38 -13.02 6.88
N ARG B 47 7.06 -13.13 6.82
CA ARG B 47 6.36 -13.09 5.52
C ARG B 47 6.41 -11.71 4.87
N ARG B 48 6.37 -10.66 5.67
CA ARG B 48 6.41 -9.30 5.15
C ARG B 48 7.84 -8.84 4.81
N TYR B 49 8.84 -9.27 5.58
CA TYR B 49 10.23 -8.75 5.47
C TYR B 49 11.21 -9.91 5.34
N PRO B 50 11.17 -10.62 4.22
CA PRO B 50 12.02 -11.82 4.08
C PRO B 50 13.54 -11.57 4.19
N GLU B 51 14.00 -10.39 3.77
CA GLU B 51 15.42 -10.02 3.82
C GLU B 51 15.85 -9.82 5.23
N MET B 52 14.97 -9.17 5.99
CA MET B 52 15.12 -9.06 7.44
C MET B 52 15.30 -10.43 8.08
N PHE B 53 14.43 -11.37 7.77
CA PHE B 53 14.54 -12.72 8.34
C PHE B 53 15.88 -13.37 8.01
N THR B 54 16.30 -13.26 6.76
CA THR B 54 17.54 -13.85 6.29
C THR B 54 18.68 -13.28 7.09
N ALA B 55 18.64 -11.96 7.36
CA ALA B 55 19.71 -11.34 8.16
C ALA B 55 19.69 -11.85 9.60
N TYR B 56 18.50 -11.87 10.20
CA TYR B 56 18.24 -12.43 11.55
C TYR B 56 18.69 -13.86 11.68
N GLU B 57 18.39 -14.68 10.68
CA GLU B 57 18.80 -16.08 10.69
C GLU B 57 20.32 -16.21 10.67
N LYS B 58 21.00 -15.41 9.84
CA LYS B 58 22.46 -15.45 9.83
C LYS B 58 23.04 -15.06 11.18
N ALA B 59 22.51 -13.98 11.75
CA ALA B 59 22.97 -13.50 13.03
C ALA B 59 22.74 -14.50 14.16
N CYS B 60 21.62 -15.23 14.11
CA CYS B 60 21.35 -16.27 15.09
C CYS B 60 22.34 -17.44 14.99
N LYS B 61 22.66 -17.87 13.76
CA LYS B 61 23.63 -18.97 13.53
C LYS B 61 25.00 -18.58 14.08
N ARG B 62 25.36 -17.30 13.96
CA ARG B 62 26.64 -16.82 14.46
C ARG B 62 26.64 -16.40 15.92
N GLY B 63 25.53 -16.59 16.63
CA GLY B 63 25.48 -16.28 18.07
C GLY B 63 25.37 -14.80 18.43
N GLU B 64 24.95 -13.97 17.47
CA GLU B 64 24.94 -12.51 17.62
C GLU B 64 23.65 -12.02 18.30
N VAL B 65 22.60 -12.82 18.25
CA VAL B 65 21.29 -12.50 18.86
C VAL B 65 21.25 -13.12 20.26
N THR B 66 21.06 -12.27 21.27
CA THR B 66 21.03 -12.64 22.65
C THR B 66 20.00 -11.84 23.42
N ILE B 67 19.58 -12.40 24.55
CA ILE B 67 18.73 -11.70 25.48
C ILE B 67 19.43 -10.40 25.87
N GLY B 68 18.69 -9.30 25.84
CA GLY B 68 19.14 -8.02 26.37
C GLY B 68 19.68 -7.08 25.30
N LYS B 69 19.62 -7.52 24.06
CA LYS B 69 20.21 -6.81 22.93
C LYS B 69 19.24 -6.86 21.75
N MET B 70 18.82 -5.69 21.27
CA MET B 70 17.99 -5.62 20.08
C MET B 70 18.81 -6.04 18.88
N PHE B 71 18.15 -6.73 17.95
CA PHE B 71 18.71 -6.93 16.62
C PHE B 71 17.90 -6.07 15.63
N VAL B 72 18.51 -5.02 15.14
CA VAL B 72 17.83 -3.99 14.38
C VAL B 72 18.16 -4.06 12.90
N VAL B 73 17.15 -3.93 12.05
CA VAL B 73 17.38 -3.96 10.63
C VAL B 73 16.52 -2.89 9.96
N ASP B 74 17.07 -2.31 8.91
CA ASP B 74 16.39 -1.30 8.14
C ASP B 74 15.55 -1.97 7.07
N THR B 75 14.32 -1.49 6.89
CA THR B 75 13.44 -2.00 5.85
C THR B 75 13.81 -1.46 4.47
N GLY B 76 14.34 -0.24 4.41
CA GLY B 76 14.60 0.44 3.14
C GLY B 76 13.34 0.83 2.36
N GLN B 77 12.22 0.99 3.07
CA GLN B 77 10.95 1.34 2.48
C GLN B 77 10.82 2.84 2.48
N LEU B 78 10.43 3.40 1.33
CA LEU B 78 10.11 4.81 1.23
C LEU B 78 8.84 5.17 2.03
N ASP B 79 7.88 4.25 2.06
CA ASP B 79 6.58 4.41 2.77
C ASP B 79 6.53 3.45 3.94
N GLY B 80 6.16 3.96 5.11
CA GLY B 80 5.98 3.12 6.27
C GLY B 80 7.25 2.89 7.07
N PRO B 81 7.25 1.86 7.91
CA PRO B 81 8.29 1.67 8.90
C PRO B 81 9.68 1.58 8.30
N LYS B 82 10.61 2.33 8.88
CA LYS B 82 12.02 2.30 8.47
C LYS B 82 12.82 1.21 9.16
N HIS B 83 12.43 0.82 10.38
CA HIS B 83 13.22 -0.12 11.19
C HIS B 83 12.35 -1.21 11.76
N ILE B 84 12.88 -2.41 11.75
CA ILE B 84 12.34 -3.50 12.51
C ILE B 84 13.30 -3.76 13.66
N ILE B 85 12.78 -3.66 14.86
CA ILE B 85 13.57 -3.93 16.08
C ILE B 85 13.14 -5.30 16.61
N ASN B 86 14.02 -6.29 16.44
CA ASN B 86 13.74 -7.63 16.88
C ASN B 86 14.16 -7.76 18.30
N PHE B 87 13.18 -7.90 19.19
CA PHE B 87 13.39 -7.92 20.63
C PHE B 87 13.39 -9.37 21.09
N PRO B 88 14.52 -9.87 21.62
CA PRO B 88 14.51 -11.30 22.02
C PRO B 88 13.74 -11.50 23.31
N THR B 89 12.68 -12.27 23.24
CA THR B 89 11.89 -12.59 24.41
C THR B 89 12.18 -14.02 24.92
N LYS B 90 12.92 -14.80 24.13
CA LYS B 90 13.25 -16.18 24.44
C LYS B 90 14.64 -16.51 23.90
N LYS B 91 15.23 -17.52 24.52
CA LYS B 91 16.49 -18.14 24.03
C LYS B 91 16.11 -19.15 22.95
N HIS B 92 15.85 -20.40 23.37
CA HIS B 92 15.25 -21.39 22.47
CA HIS B 92 15.27 -21.45 22.54
C HIS B 92 13.75 -21.22 22.49
N TRP B 93 13.10 -21.48 21.36
CA TRP B 93 11.62 -21.34 21.27
C TRP B 93 10.84 -22.39 22.07
N ARG B 94 11.43 -23.57 22.19
CA ARG B 94 11.01 -24.59 23.15
C ARG B 94 10.74 -24.06 24.58
N ALA B 95 11.53 -23.08 25.05
CA ALA B 95 11.42 -22.59 26.43
C ALA B 95 10.55 -21.36 26.51
N PRO B 96 9.98 -21.06 27.70
CA PRO B 96 9.18 -19.84 27.84
C PRO B 96 10.02 -18.57 28.00
N SER B 97 9.32 -17.44 27.98
CA SER B 97 9.93 -16.16 28.19
C SER B 97 10.02 -15.95 29.67
N LYS B 98 10.70 -14.88 30.08
CA LYS B 98 10.79 -14.47 31.48
C LYS B 98 10.82 -12.96 31.59
N LEU B 99 10.34 -12.46 32.71
CA LEU B 99 10.34 -11.04 33.01
C LEU B 99 11.72 -10.44 32.97
N ALA B 100 12.70 -11.16 33.48
CA ALA B 100 14.10 -10.72 33.43
C ALA B 100 14.59 -10.48 31.99
N TYR B 101 14.10 -11.26 31.04
CA TYR B 101 14.44 -11.04 29.63
C TYR B 101 13.84 -9.73 29.06
N ILE B 102 12.65 -9.38 29.54
CA ILE B 102 11.93 -8.18 29.12
C ILE B 102 12.62 -6.97 29.76
N ASP B 103 12.94 -7.06 31.06
CA ASP B 103 13.72 -5.99 31.73
C ASP B 103 15.01 -5.68 31.00
N ALA B 104 15.75 -6.73 30.62
CA ALA B 104 17.04 -6.53 29.98
C ALA B 104 16.89 -5.97 28.57
N GLY B 105 15.94 -6.50 27.83
CA GLY B 105 15.69 -5.99 26.49
C GLY B 105 15.23 -4.53 26.43
N LEU B 106 14.40 -4.13 27.38
CA LEU B 106 13.88 -2.77 27.39
C LEU B 106 15.00 -1.76 27.55
N ILE B 107 15.97 -2.08 28.40
CA ILE B 107 17.15 -1.23 28.52
C ILE B 107 17.75 -0.95 27.12
N ASP B 108 17.98 -2.00 26.33
CA ASP B 108 18.57 -1.79 25.02
C ASP B 108 17.58 -1.24 24.00
N LEU B 109 16.30 -1.53 24.17
CA LEU B 109 15.32 -0.92 23.28
C LEU B 109 15.39 0.62 23.40
N ILE B 110 15.47 1.12 24.61
CA ILE B 110 15.50 2.56 24.86
C ILE B 110 16.74 3.14 24.23
N ARG B 111 17.84 2.45 24.47
CA ARG B 111 19.10 2.87 23.92
C ARG B 111 19.01 2.96 22.39
N VAL B 112 18.37 1.98 21.76
CA VAL B 112 18.35 1.93 20.28
C VAL B 112 17.44 2.98 19.65
N ILE B 113 16.33 3.26 20.31
CA ILE B 113 15.45 4.36 19.92
C ILE B 113 16.16 5.74 20.01
N ARG B 114 16.93 5.97 21.07
CA ARG B 114 17.71 7.21 21.21
C ARG B 114 18.77 7.32 20.14
N GLU B 115 19.60 6.30 20.06
CA GLU B 115 20.68 6.27 19.13
C GLU B 115 20.27 6.41 17.66
N LEU B 116 19.15 5.84 17.24
CA LEU B 116 18.67 6.02 15.85
C LEU B 116 17.72 7.22 15.67
N ASN B 117 17.50 7.98 16.73
CA ASN B 117 16.56 9.07 16.73
C ASN B 117 15.14 8.70 16.19
N ILE B 118 14.63 7.54 16.63
CA ILE B 118 13.31 7.08 16.22
C ILE B 118 12.25 7.95 16.91
N ALA B 119 11.32 8.48 16.13
CA ALA B 119 10.22 9.34 16.61
C ALA B 119 9.00 8.56 17.08
N SER B 120 8.82 7.36 16.56
CA SER B 120 7.61 6.61 16.86
C SER B 120 7.85 5.13 16.70
N VAL B 121 7.22 4.35 17.56
CA VAL B 121 7.40 2.89 17.59
C VAL B 121 6.11 2.18 18.02
N ALA B 122 5.84 1.03 17.41
CA ALA B 122 4.71 0.17 17.74
C ALA B 122 5.25 -1.10 18.39
N VAL B 123 4.66 -1.46 19.53
CA VAL B 123 5.18 -2.50 20.39
C VAL B 123 4.12 -3.55 20.70
N PRO B 124 4.43 -4.82 20.53
CA PRO B 124 3.46 -5.90 20.78
C PRO B 124 3.53 -6.30 22.24
N PRO B 125 2.60 -7.15 22.70
CA PRO B 125 2.66 -7.60 24.07
C PRO B 125 3.80 -8.62 24.38
N LEU B 126 4.99 -8.10 24.64
CA LEU B 126 6.24 -8.89 24.62
C LEU B 126 6.18 -10.08 25.56
N GLY B 127 6.36 -11.28 25.00
CA GLY B 127 6.36 -12.50 25.78
C GLY B 127 5.03 -12.99 26.34
N VAL B 128 3.91 -12.35 25.95
CA VAL B 128 2.59 -12.76 26.43
C VAL B 128 1.97 -13.78 25.45
N GLY B 129 1.40 -14.85 25.98
CA GLY B 129 0.78 -15.87 25.14
C GLY B 129 1.83 -16.89 24.80
N ASN B 130 2.51 -16.71 23.66
CA ASN B 130 3.65 -17.59 23.24
C ASN B 130 4.66 -17.83 24.36
N GLY B 131 5.07 -16.75 25.02
CA GLY B 131 6.04 -16.84 26.10
C GLY B 131 5.52 -17.11 27.50
N GLY B 132 4.20 -17.06 27.71
CA GLY B 132 3.55 -17.31 28.99
C GLY B 132 3.61 -16.24 30.07
N LEU B 133 3.97 -14.99 29.74
CA LEU B 133 4.02 -13.91 30.75
C LEU B 133 2.66 -13.27 31.00
N ASP B 134 2.51 -12.62 32.14
CA ASP B 134 1.29 -11.89 32.48
C ASP B 134 1.28 -10.50 31.80
N TRP B 135 0.21 -10.15 31.08
CA TRP B 135 0.12 -8.86 30.37
C TRP B 135 0.36 -7.67 31.28
N GLU B 136 -0.34 -7.66 32.40
CA GLU B 136 -0.30 -6.53 33.29
C GLU B 136 1.14 -6.28 33.76
N ASP B 137 1.93 -7.33 33.94
CA ASP B 137 3.33 -7.21 34.35
C ASP B 137 4.18 -6.58 33.29
N VAL B 138 3.99 -7.05 32.06
CA VAL B 138 4.71 -6.55 30.91
C VAL B 138 4.27 -5.10 30.59
N GLU B 139 2.98 -4.83 30.64
CA GLU B 139 2.45 -3.51 30.33
C GLU B 139 3.06 -2.46 31.26
N GLN B 140 3.16 -2.78 32.54
CA GLN B 140 3.82 -1.87 33.50
C GLN B 140 5.22 -1.53 33.06
N ARG B 141 5.99 -2.56 32.71
CA ARG B 141 7.37 -2.34 32.28
C ARG B 141 7.48 -1.55 30.99
N LEU B 142 6.63 -1.85 30.03
CA LEU B 142 6.62 -1.10 28.77
C LEU B 142 6.32 0.38 29.01
N VAL B 143 5.29 0.68 29.80
CA VAL B 143 4.90 2.07 30.08
C VAL B 143 6.03 2.80 30.79
N SER B 144 6.61 2.16 31.81
CA SER B 144 7.79 2.68 32.52
C SER B 144 8.94 3.02 31.60
N ALA B 145 9.27 2.08 30.73
CA ALA B 145 10.39 2.30 29.80
C ALA B 145 10.18 3.52 28.88
N PHE B 146 8.96 3.65 28.33
CA PHE B 146 8.68 4.77 27.42
C PHE B 146 8.49 6.10 28.07
N GLN B 147 8.24 6.13 29.37
CA GLN B 147 8.29 7.40 30.10
C GLN B 147 9.67 8.03 30.15
N GLN B 148 10.71 7.24 29.90
CA GLN B 148 12.05 7.77 29.69
C GLN B 148 12.29 8.36 28.29
N LEU B 149 11.33 8.26 27.39
CA LEU B 149 11.46 8.80 26.05
C LEU B 149 10.30 9.74 25.76
N PRO B 150 10.27 10.90 26.44
CA PRO B 150 9.08 11.79 26.40
C PRO B 150 8.78 12.39 25.01
N ASP B 151 9.74 12.39 24.07
CA ASP B 151 9.47 12.84 22.70
C ASP B 151 9.21 11.71 21.68
N VAL B 152 8.99 10.47 22.14
CA VAL B 152 8.71 9.35 21.25
C VAL B 152 7.22 9.00 21.37
N ASP B 153 6.53 8.81 20.26
CA ASP B 153 5.18 8.21 20.28
C ASP B 153 5.34 6.70 20.35
N ALA B 154 4.77 6.11 21.37
CA ALA B 154 4.80 4.66 21.51
C ALA B 154 3.37 4.18 21.41
N VAL B 155 3.13 3.27 20.48
CA VAL B 155 1.81 2.62 20.39
C VAL B 155 2.02 1.21 20.92
N ILE B 156 1.34 0.92 22.02
CA ILE B 156 1.39 -0.39 22.66
C ILE B 156 0.12 -1.19 22.33
N TYR B 157 0.32 -2.35 21.73
CA TYR B 157 -0.77 -3.28 21.32
C TYR B 157 -1.03 -4.33 22.40
N PRO B 158 -2.20 -4.29 23.03
CA PRO B 158 -2.50 -5.35 24.02
C PRO B 158 -2.71 -6.70 23.38
N PRO B 159 -2.77 -7.77 24.19
CA PRO B 159 -3.07 -9.09 23.60
C PRO B 159 -4.34 -9.04 22.82
N SER B 160 -4.33 -9.64 21.62
CA SER B 160 -5.48 -9.62 20.65
C SER B 160 -6.91 -9.45 21.25
N GLY C 9 -11.89 3.05 -20.05
CA GLY C 9 -13.14 3.36 -19.28
C GLY C 9 -13.05 2.97 -17.80
N GLY C 10 -14.01 2.18 -17.33
CA GLY C 10 -13.99 1.64 -15.98
C GLY C 10 -13.02 0.47 -15.82
N MET C 11 -12.34 0.43 -14.67
CA MET C 11 -11.38 -0.61 -14.31
C MET C 11 -11.82 -1.39 -13.07
N ILE C 12 -11.51 -2.67 -13.02
CA ILE C 12 -11.71 -3.49 -11.83
C ILE C 12 -10.34 -3.72 -11.21
N THR C 13 -10.10 -3.11 -10.06
CA THR C 13 -8.76 -3.07 -9.47
C THR C 13 -8.71 -3.76 -8.11
N TYR C 14 -7.51 -4.15 -7.71
CA TYR C 14 -7.27 -4.84 -6.46
C TYR C 14 -7.10 -3.79 -5.44
N GLY C 15 -7.95 -3.77 -4.45
CA GLY C 15 -7.82 -2.83 -3.36
C GLY C 15 -6.90 -3.35 -2.28
N SER C 16 -6.28 -2.46 -1.55
CA SER C 16 -5.56 -2.88 -0.35
C SER C 16 -5.59 -1.80 0.71
N GLY C 17 -5.39 -2.24 1.94
CA GLY C 17 -5.53 -1.38 3.08
C GLY C 17 -6.99 -1.34 3.47
N ASP C 18 -7.38 -0.20 3.98
CA ASP C 18 -8.64 -0.02 4.67
C ASP C 18 -9.68 0.44 3.67
N LEU C 19 -10.66 -0.42 3.44
CA LEU C 19 -11.76 -0.10 2.53
C LEU C 19 -12.43 1.23 2.80
N LEU C 20 -12.57 1.59 4.06
CA LEU C 20 -13.20 2.87 4.40
C LEU C 20 -12.43 4.11 3.93
N ARG C 21 -11.16 3.95 3.61
CA ARG C 21 -10.38 5.06 3.08
C ARG C 21 -10.33 5.05 1.56
N ALA C 22 -11.14 4.22 0.92
CA ALA C 22 -11.16 4.17 -0.52
C ALA C 22 -11.66 5.52 -1.06
N ASP C 23 -11.09 5.94 -2.17
CA ASP C 23 -11.45 7.23 -2.79
C ASP C 23 -12.51 6.98 -3.85
N THR C 24 -13.68 6.53 -3.40
CA THR C 24 -14.71 6.11 -4.31
C THR C 24 -15.98 6.80 -3.97
N GLU C 25 -16.88 6.78 -4.91
CA GLU C 25 -18.19 7.44 -4.75
C GLU C 25 -19.11 6.66 -3.82
N ALA C 26 -19.02 5.31 -3.87
CA ALA C 26 -19.76 4.44 -2.97
C ALA C 26 -18.85 3.49 -2.24
N LEU C 27 -19.27 3.12 -1.04
CA LEU C 27 -18.62 2.01 -0.31
C LEU C 27 -19.64 0.95 -0.07
N VAL C 28 -19.27 -0.32 -0.27
CA VAL C 28 -20.13 -1.44 0.14
C VAL C 28 -19.77 -2.00 1.53
N ASN C 29 -20.80 -2.22 2.34
CA ASN C 29 -20.70 -2.80 3.64
C ASN C 29 -21.44 -4.12 3.59
N THR C 30 -21.02 -5.08 4.40
CA THR C 30 -21.66 -6.41 4.47
C THR C 30 -22.40 -6.45 5.79
N VAL C 31 -23.69 -6.78 5.72
CA VAL C 31 -24.55 -6.74 6.88
C VAL C 31 -25.41 -7.97 6.99
N ASN C 32 -25.91 -8.15 8.22
CA ASN C 32 -27.00 -9.06 8.52
C ASN C 32 -28.30 -8.29 8.49
N CYS C 33 -29.41 -9.03 8.56
CA CYS C 33 -30.78 -8.45 8.53
C CYS C 33 -31.40 -8.19 9.91
N VAL C 34 -30.64 -8.35 11.00
CA VAL C 34 -31.22 -8.20 12.34
C VAL C 34 -30.63 -7.02 13.13
N GLY C 35 -29.99 -6.09 12.45
CA GLY C 35 -29.76 -4.77 13.02
C GLY C 35 -28.52 -4.69 13.87
N VAL C 36 -27.56 -5.57 13.62
CA VAL C 36 -26.35 -5.61 14.41
C VAL C 36 -25.12 -5.49 13.53
N MET C 37 -24.31 -4.47 13.81
CA MET C 37 -22.99 -4.30 13.19
C MET C 37 -21.97 -4.34 14.33
N GLY C 38 -21.62 -5.56 14.73
CA GLY C 38 -20.85 -5.78 15.94
C GLY C 38 -19.39 -6.18 15.73
N LYS C 39 -19.01 -6.65 14.54
CA LYS C 39 -17.61 -6.98 14.31
C LYS C 39 -17.26 -6.79 12.87
N GLY C 40 -15.99 -6.95 12.58
CA GLY C 40 -15.47 -6.89 11.22
C GLY C 40 -15.65 -5.51 10.58
N ILE C 41 -15.83 -5.52 9.27
CA ILE C 41 -15.93 -4.27 8.57
C ILE C 41 -17.21 -3.49 8.91
N ALA C 42 -18.30 -4.18 9.16
CA ALA C 42 -19.52 -3.53 9.59
C ALA C 42 -19.32 -2.69 10.86
N LEU C 43 -18.55 -3.21 11.82
CA LEU C 43 -18.26 -2.41 13.02
C LEU C 43 -17.60 -1.10 12.64
N GLN C 44 -16.64 -1.17 11.74
CA GLN C 44 -15.93 0.03 11.31
CA GLN C 44 -15.92 0.02 11.30
C GLN C 44 -16.91 1.00 10.64
N PHE C 45 -17.83 0.49 9.83
CA PHE C 45 -18.85 1.35 9.22
C PHE C 45 -19.75 2.01 10.25
N LYS C 46 -20.09 1.26 11.30
CA LYS C 46 -20.92 1.83 12.40
C LYS C 46 -20.23 3.00 13.13
N ARG C 47 -18.94 2.85 13.37
CA ARG C 47 -18.16 3.87 14.07
C ARG C 47 -17.95 5.12 13.22
N ARG C 48 -17.82 4.96 11.92
CA ARG C 48 -17.67 6.09 11.02
C ARG C 48 -18.98 6.79 10.63
N TYR C 49 -20.08 6.04 10.49
CA TYR C 49 -21.36 6.58 10.00
C TYR C 49 -22.49 6.22 10.97
N PRO C 50 -22.46 6.79 12.18
CA PRO C 50 -23.48 6.44 13.19
C PRO C 50 -24.95 6.69 12.79
N GLU C 51 -25.19 7.71 11.96
CA GLU C 51 -26.54 8.02 11.47
C GLU C 51 -27.00 6.96 10.52
N MET C 52 -26.09 6.53 9.66
CA MET C 52 -26.34 5.39 8.79
C MET C 52 -26.77 4.18 9.63
N PHE C 53 -26.03 3.86 10.68
CA PHE C 53 -26.35 2.67 11.52
C PHE C 53 -27.72 2.76 12.14
N THR C 54 -28.03 3.95 12.66
CA THR C 54 -29.35 4.24 13.24
C THR C 54 -30.43 3.99 12.20
N ALA C 55 -30.21 4.42 10.95
CA ALA C 55 -31.20 4.20 9.90
C ALA C 55 -31.34 2.72 9.56
N TYR C 56 -30.19 2.06 9.36
CA TYR C 56 -30.11 0.58 9.18
C TYR C 56 -30.80 -0.22 10.29
N GLU C 57 -30.58 0.20 11.54
CA GLU C 57 -31.18 -0.50 12.68
C GLU C 57 -32.71 -0.35 12.65
N LYS C 58 -33.20 0.86 12.36
CA LYS C 58 -34.64 1.05 12.25
C LYS C 58 -35.23 0.16 11.14
N ALA C 59 -34.56 0.15 9.99
CA ALA C 59 -35.03 -0.63 8.84
C ALA C 59 -35.01 -2.11 9.11
N CYS C 60 -34.01 -2.57 9.86
CA CYS C 60 -33.98 -3.97 10.27
C CYS C 60 -35.12 -4.33 11.18
N LYS C 61 -35.43 -3.47 12.17
CA LYS C 61 -36.53 -3.77 13.13
C LYS C 61 -37.84 -3.86 12.38
N ARG C 62 -38.00 -3.05 11.33
CA ARG C 62 -39.22 -3.04 10.54
C ARG C 62 -39.23 -4.07 9.42
N GLY C 63 -38.20 -4.90 9.29
CA GLY C 63 -38.19 -5.98 8.27
C GLY C 63 -37.89 -5.52 6.84
N GLU C 64 -37.29 -4.34 6.70
CA GLU C 64 -37.06 -3.71 5.38
C GLU C 64 -35.75 -4.18 4.74
N VAL C 65 -34.83 -4.71 5.56
CA VAL C 65 -33.55 -5.27 5.11
C VAL C 65 -33.63 -6.78 4.93
N THR C 66 -33.38 -7.23 3.70
CA THR C 66 -33.55 -8.61 3.27
C THR C 66 -32.46 -9.00 2.32
N ILE C 67 -32.20 -10.29 2.27
CA ILE C 67 -31.36 -10.87 1.24
C ILE C 67 -31.89 -10.44 -0.14
N GLY C 68 -30.99 -9.93 -0.97
CA GLY C 68 -31.26 -9.68 -2.40
C GLY C 68 -31.61 -8.26 -2.70
N LYS C 69 -31.53 -7.43 -1.67
CA LYS C 69 -31.91 -6.04 -1.76
CA LYS C 69 -31.91 -6.04 -1.76
C LYS C 69 -30.88 -5.18 -1.01
N MET C 70 -30.26 -4.24 -1.71
CA MET C 70 -29.34 -3.30 -1.08
C MET C 70 -30.14 -2.35 -0.17
N PHE C 71 -29.54 -1.98 0.96
CA PHE C 71 -30.04 -0.89 1.79
C PHE C 71 -29.08 0.28 1.67
N VAL C 72 -29.49 1.32 0.95
CA VAL C 72 -28.60 2.37 0.54
C VAL C 72 -28.83 3.61 1.37
N VAL C 73 -27.77 4.24 1.85
CA VAL C 73 -27.87 5.47 2.62
C VAL C 73 -26.87 6.51 2.06
N ASP C 74 -27.30 7.78 2.00
CA ASP C 74 -26.43 8.87 1.59
C ASP C 74 -25.67 9.37 2.79
N THR C 75 -24.37 9.56 2.63
CA THR C 75 -23.53 10.06 3.70
C THR C 75 -23.76 11.57 3.94
N GLY C 76 -24.10 12.31 2.87
CA GLY C 76 -24.19 13.77 2.96
C GLY C 76 -22.85 14.46 3.17
N GLN C 77 -21.77 13.79 2.76
CA GLN C 77 -20.43 14.31 2.89
C GLN C 77 -20.14 15.05 1.61
N LEU C 78 -19.63 16.27 1.74
CA LEU C 78 -19.16 17.02 0.58
C LEU C 78 -17.96 16.34 -0.07
N ASP C 79 -17.09 15.77 0.77
CA ASP C 79 -15.85 15.10 0.35
C ASP C 79 -15.88 13.61 0.71
N GLY C 80 -15.43 12.78 -0.21
CA GLY C 80 -15.42 11.34 0.00
C GLY C 80 -16.74 10.70 -0.37
N PRO C 81 -16.95 9.45 0.07
CA PRO C 81 -18.04 8.65 -0.40
C PRO C 81 -19.38 9.28 -0.20
N LYS C 82 -20.20 9.29 -1.24
CA LYS C 82 -21.59 9.82 -1.17
C LYS C 82 -22.60 8.79 -0.72
N HIS C 83 -22.36 7.50 -1.02
CA HIS C 83 -23.29 6.43 -0.69
C HIS C 83 -22.65 5.26 0.07
N ILE C 84 -23.35 4.75 1.05
CA ILE C 84 -23.03 3.48 1.67
C ILE C 84 -24.08 2.47 1.20
N ILE C 85 -23.62 1.41 0.55
CA ILE C 85 -24.49 0.39 0.05
C ILE C 85 -24.32 -0.80 0.99
N ASN C 86 -25.32 -1.04 1.82
CA ASN C 86 -25.29 -2.14 2.79
C ASN C 86 -25.82 -3.37 2.10
N PHE C 87 -24.92 -4.33 1.87
CA PHE C 87 -25.22 -5.52 1.12
C PHE C 87 -25.49 -6.64 2.15
N PRO C 88 -26.72 -7.20 2.18
CA PRO C 88 -26.95 -8.28 3.12
C PRO C 88 -26.30 -9.59 2.73
N THR C 89 -25.39 -10.09 3.57
CA THR C 89 -24.70 -11.36 3.31
C THR C 89 -25.22 -12.45 4.22
N LYS C 90 -26.03 -12.07 5.21
CA LYS C 90 -26.62 -13.00 6.17
C LYS C 90 -27.97 -12.51 6.57
N LYS C 91 -28.76 -13.46 7.05
CA LYS C 91 -30.06 -13.20 7.68
C LYS C 91 -29.79 -12.84 9.14
N HIS C 92 -29.79 -13.87 10.02
CA HIS C 92 -29.30 -13.72 11.38
C HIS C 92 -27.79 -13.87 11.35
N TRP C 93 -27.13 -13.12 12.22
CA TRP C 93 -25.66 -13.21 12.34
C TRP C 93 -25.16 -14.55 12.85
N ARG C 94 -25.93 -15.19 13.70
CA ARG C 94 -25.70 -16.61 14.09
C ARG C 94 -25.46 -17.57 12.95
N ALA C 95 -26.16 -17.37 11.82
CA ALA C 95 -26.07 -18.32 10.70
C ALA C 95 -25.03 -17.87 9.69
N PRO C 96 -24.56 -18.79 8.82
CA PRO C 96 -23.55 -18.40 7.86
C PRO C 96 -24.14 -17.77 6.63
N SER C 97 -23.25 -17.25 5.80
CA SER C 97 -23.64 -16.65 4.53
C SER C 97 -23.79 -17.80 3.57
N LYS C 98 -24.30 -17.50 2.38
CA LYS C 98 -24.44 -18.47 1.29
C LYS C 98 -24.23 -17.81 -0.04
N LEU C 99 -23.74 -18.59 -0.98
CA LEU C 99 -23.51 -18.12 -2.33
C LEU C 99 -24.75 -17.57 -2.97
N ALA C 100 -25.87 -18.23 -2.73
CA ALA C 100 -27.13 -17.76 -3.25
C ALA C 100 -27.47 -16.33 -2.78
N TYR C 101 -27.08 -15.99 -1.55
CA TYR C 101 -27.27 -14.64 -1.02
C TYR C 101 -26.42 -13.58 -1.73
N ILE C 102 -25.22 -13.99 -2.14
CA ILE C 102 -24.33 -13.15 -2.89
C ILE C 102 -24.86 -12.97 -4.33
N ASP C 103 -25.26 -14.06 -4.97
CA ASP C 103 -25.87 -13.98 -6.31
C ASP C 103 -27.04 -13.01 -6.32
N ALA C 104 -27.92 -13.13 -5.34
CA ALA C 104 -29.13 -12.31 -5.32
C ALA C 104 -28.79 -10.85 -5.06
N GLY C 105 -27.89 -10.60 -4.13
CA GLY C 105 -27.49 -9.25 -3.80
C GLY C 105 -26.78 -8.53 -4.95
N LEU C 106 -25.97 -9.26 -5.71
CA LEU C 106 -25.24 -8.68 -6.82
C LEU C 106 -26.18 -8.15 -7.86
N ILE C 107 -27.26 -8.88 -8.13
CA ILE C 107 -28.25 -8.42 -9.06
C ILE C 107 -28.68 -7.00 -8.65
N ASP C 108 -29.04 -6.82 -7.39
CA ASP C 108 -29.53 -5.50 -6.94
C ASP C 108 -28.41 -4.50 -6.74
N LEU C 109 -27.20 -4.96 -6.41
CA LEU C 109 -26.05 -4.04 -6.39
C LEU C 109 -25.83 -3.38 -7.79
N ILE C 110 -25.89 -4.16 -8.85
CA ILE C 110 -25.72 -3.63 -10.22
C ILE C 110 -26.83 -2.66 -10.53
N ARG C 111 -28.05 -3.05 -10.18
CA ARG C 111 -29.20 -2.20 -10.43
C ARG C 111 -29.00 -0.84 -9.72
N VAL C 112 -28.53 -0.84 -8.51
CA VAL C 112 -28.44 0.37 -7.71
C VAL C 112 -27.34 1.30 -8.24
N ILE C 113 -26.24 0.72 -8.68
CA ILE C 113 -25.16 1.48 -9.23
C ILE C 113 -25.60 2.18 -10.52
N ARG C 114 -26.39 1.49 -11.36
CA ARG C 114 -26.95 2.10 -12.56
C ARG C 114 -27.91 3.20 -12.22
N GLU C 115 -28.88 2.87 -11.41
CA GLU C 115 -29.91 3.80 -11.05
C GLU C 115 -29.40 5.08 -10.38
N LEU C 116 -28.35 5.00 -9.56
CA LEU C 116 -27.78 6.20 -8.94
C LEU C 116 -26.62 6.83 -9.74
N ASN C 117 -26.32 6.27 -10.92
CA ASN C 117 -25.18 6.62 -11.75
C ASN C 117 -23.86 6.71 -10.98
N ILE C 118 -23.61 5.71 -10.17
CA ILE C 118 -22.39 5.68 -9.36
C ILE C 118 -21.25 5.40 -10.34
N ALA C 119 -20.22 6.23 -10.28
CA ALA C 119 -19.00 6.10 -11.12
C ALA C 119 -17.95 5.15 -10.55
N SER C 120 -17.95 4.97 -9.23
CA SER C 120 -16.90 4.18 -8.60
C SER C 120 -17.37 3.62 -7.28
N VAL C 121 -16.91 2.42 -6.98
CA VAL C 121 -17.36 1.68 -5.79
C VAL C 121 -16.24 0.80 -5.26
N ALA C 122 -16.17 0.72 -3.91
CA ALA C 122 -15.22 -0.17 -3.24
C ALA C 122 -16.00 -1.29 -2.61
N VAL C 123 -15.55 -2.51 -2.85
CA VAL C 123 -16.25 -3.69 -2.44
C VAL C 123 -15.35 -4.58 -1.55
N PRO C 124 -15.87 -5.04 -0.40
CA PRO C 124 -15.15 -5.98 0.47
C PRO C 124 -15.38 -7.42 0.04
N PRO C 125 -14.66 -8.37 0.64
CA PRO C 125 -14.83 -9.78 0.26
C PRO C 125 -16.11 -10.36 0.87
N LEU C 126 -17.20 -10.15 0.15
CA LEU C 126 -18.54 -10.41 0.66
C LEU C 126 -18.77 -11.83 1.19
N GLY C 127 -19.14 -11.93 2.47
CA GLY C 127 -19.38 -13.23 3.10
C GLY C 127 -18.17 -14.13 3.36
N VAL C 128 -16.96 -13.64 3.16
CA VAL C 128 -15.74 -14.44 3.40
C VAL C 128 -15.22 -14.20 4.83
N GLY C 129 -14.85 -15.26 5.52
CA GLY C 129 -14.36 -15.16 6.89
C GLY C 129 -15.54 -15.25 7.84
N ASN C 130 -16.11 -14.09 8.19
CA ASN C 130 -17.33 -14.02 9.02
C ASN C 130 -18.43 -14.98 8.54
N GLY C 131 -18.70 -14.97 7.23
CA GLY C 131 -19.75 -15.78 6.63
C GLY C 131 -19.39 -17.17 6.17
N GLY C 132 -18.10 -17.50 6.18
CA GLY C 132 -17.61 -18.81 5.80
C GLY C 132 -17.58 -19.18 4.32
N LEU C 133 -17.70 -18.23 3.40
CA LEU C 133 -17.63 -18.53 1.96
C LEU C 133 -16.19 -18.58 1.44
N ASP C 134 -16.01 -19.27 0.33
CA ASP C 134 -14.69 -19.37 -0.33
C ASP C 134 -14.40 -18.09 -1.17
N TRP C 135 -13.25 -17.46 -0.97
CA TRP C 135 -12.90 -16.22 -1.67
C TRP C 135 -12.99 -16.38 -3.19
N GLU C 136 -12.36 -17.42 -3.71
CA GLU C 136 -12.29 -17.62 -5.12
C GLU C 136 -13.68 -17.69 -5.75
N ASP C 137 -14.65 -18.25 -5.03
CA ASP C 137 -16.02 -18.31 -5.51
C ASP C 137 -16.68 -16.95 -5.61
N VAL C 138 -16.50 -16.18 -4.55
CA VAL C 138 -17.06 -14.87 -4.45
C VAL C 138 -16.37 -13.95 -5.48
N GLU C 139 -15.06 -14.03 -5.56
CA GLU C 139 -14.29 -13.18 -6.45
C GLU C 139 -14.79 -13.35 -7.88
N GLN C 140 -15.03 -14.58 -8.30
CA GLN C 140 -15.57 -14.85 -9.64
C GLN C 140 -16.89 -14.10 -9.87
N ARG C 141 -17.78 -14.19 -8.88
CA ARG C 141 -19.06 -13.51 -8.98
C ARG C 141 -18.92 -11.99 -9.01
N LEU C 142 -18.06 -11.43 -8.17
CA LEU C 142 -17.86 -10.01 -8.14
C LEU C 142 -17.36 -9.50 -9.48
N VAL C 143 -16.36 -10.17 -10.04
CA VAL C 143 -15.75 -9.73 -11.25
C VAL C 143 -16.78 -9.77 -12.35
N SER C 144 -17.49 -10.89 -12.45
CA SER C 144 -18.52 -11.06 -13.45
C SER C 144 -19.58 -10.00 -13.37
N ALA C 145 -20.05 -9.71 -12.17
CA ALA C 145 -21.06 -8.67 -12.02
C ALA C 145 -20.55 -7.31 -12.56
N PHE C 146 -19.30 -6.96 -12.25
CA PHE C 146 -18.77 -5.64 -12.64
C PHE C 146 -18.34 -5.52 -14.08
N GLN C 147 -18.15 -6.64 -14.75
CA GLN C 147 -18.03 -6.61 -16.21
C GLN C 147 -19.30 -6.14 -16.92
N GLN C 148 -20.43 -6.18 -16.24
CA GLN C 148 -21.64 -5.56 -16.78
C GLN C 148 -21.72 -4.06 -16.58
N LEU C 149 -20.74 -3.49 -15.89
CA LEU C 149 -20.71 -2.07 -15.66
C LEU C 149 -19.38 -1.54 -16.14
N PRO C 150 -19.18 -1.53 -17.47
CA PRO C 150 -17.87 -1.18 -18.05
C PRO C 150 -17.41 0.25 -17.80
N ASP C 151 -18.31 1.18 -17.43
CA ASP C 151 -17.90 2.53 -17.08
C ASP C 151 -17.76 2.82 -15.58
N VAL C 152 -17.82 1.79 -14.74
CA VAL C 152 -17.69 1.98 -13.32
C VAL C 152 -16.28 1.52 -12.93
N ASP C 153 -15.58 2.29 -12.10
CA ASP C 153 -14.37 1.78 -11.41
C ASP C 153 -14.80 0.97 -10.18
N ALA C 154 -14.37 -0.27 -10.09
CA ALA C 154 -14.69 -1.15 -8.94
C ALA C 154 -13.38 -1.51 -8.31
N VAL C 155 -13.23 -1.18 -7.04
CA VAL C 155 -12.06 -1.57 -6.28
C VAL C 155 -12.49 -2.71 -5.38
N ILE C 156 -11.96 -3.89 -5.62
CA ILE C 156 -12.29 -5.10 -4.88
C ILE C 156 -11.17 -5.44 -3.91
N TYR C 157 -11.53 -5.49 -2.64
CA TYR C 157 -10.59 -5.73 -1.55
C TYR C 157 -10.58 -7.25 -1.24
N PRO C 158 -9.46 -7.93 -1.46
CA PRO C 158 -9.38 -9.34 -1.05
C PRO C 158 -9.34 -9.49 0.46
N PRO C 159 -9.53 -10.72 0.95
CA PRO C 159 -9.41 -10.94 2.41
C PRO C 159 -8.08 -10.41 2.96
N SER C 160 -8.13 -9.68 4.08
CA SER C 160 -6.97 -8.95 4.71
C SER C 160 -5.54 -9.51 4.46
N GLY D 9 -6.61 44.81 -6.18
CA GLY D 9 -5.34 44.24 -6.74
C GLY D 9 -5.19 42.73 -6.51
N GLY D 10 -4.08 42.32 -5.92
CA GLY D 10 -3.85 40.91 -5.58
C GLY D 10 -4.59 40.49 -4.32
N MET D 11 -5.12 39.28 -4.34
CA MET D 11 -5.85 38.70 -3.21
C MET D 11 -5.12 37.46 -2.65
N ILE D 12 -5.22 37.23 -1.35
CA ILE D 12 -4.77 36.01 -0.72
C ILE D 12 -6.00 35.21 -0.38
N THR D 13 -6.21 34.10 -1.09
CA THR D 13 -7.46 33.34 -0.99
C THR D 13 -7.23 31.94 -0.42
N TYR D 14 -8.30 31.37 0.12
CA TYR D 14 -8.29 30.03 0.68
C TYR D 14 -8.54 29.05 -0.45
N GLY D 15 -7.58 28.20 -0.73
CA GLY D 15 -7.75 27.20 -1.78
C GLY D 15 -8.45 25.97 -1.25
N SER D 16 -9.14 25.25 -2.12
CA SER D 16 -9.61 23.91 -1.75
C SER D 16 -9.60 22.98 -2.93
N GLY D 17 -9.57 21.70 -2.61
CA GLY D 17 -9.45 20.66 -3.58
C GLY D 17 -7.99 20.46 -3.88
N ASP D 18 -7.73 20.09 -5.12
CA ASP D 18 -6.44 19.60 -5.57
C ASP D 18 -5.63 20.79 -6.06
N LEU D 19 -4.56 21.08 -5.36
CA LEU D 19 -3.63 22.15 -5.75
C LEU D 19 -3.18 22.08 -7.19
N LEU D 20 -2.95 20.88 -7.71
CA LEU D 20 -2.51 20.75 -9.11
C LEU D 20 -3.52 21.23 -10.14
N ARG D 21 -4.78 21.38 -9.74
CA ARG D 21 -5.82 21.88 -10.63
C ARG D 21 -6.07 23.35 -10.41
N ALA D 22 -5.21 24.01 -9.62
CA ALA D 22 -5.34 25.45 -9.43
C ALA D 22 -5.16 26.17 -10.76
N ASP D 23 -5.95 27.23 -10.94
CA ASP D 23 -5.90 28.00 -12.18
C ASP D 23 -4.97 29.19 -11.92
N THR D 24 -3.69 28.88 -11.73
CA THR D 24 -2.70 29.92 -11.47
C THR D 24 -1.54 29.82 -12.45
N GLU D 25 -0.75 30.87 -12.47
CA GLU D 25 0.41 30.93 -13.33
C GLU D 25 1.58 30.07 -12.80
N ALA D 26 1.72 29.97 -11.48
CA ALA D 26 2.71 29.10 -10.87
C ALA D 26 2.08 28.16 -9.82
N LEU D 27 2.69 26.98 -9.67
CA LEU D 27 2.34 26.08 -8.59
C LEU D 27 3.56 25.87 -7.78
N VAL D 28 3.39 25.89 -6.46
CA VAL D 28 4.47 25.49 -5.58
C VAL D 28 4.38 24.01 -5.16
N ASN D 29 5.52 23.35 -5.21
CA ASN D 29 5.73 21.98 -4.73
C ASN D 29 6.66 22.00 -3.54
N THR D 30 6.53 21.05 -2.63
CA THR D 30 7.41 20.96 -1.45
C THR D 30 8.31 19.77 -1.70
N VAL D 31 9.62 20.00 -1.59
CA VAL D 31 10.60 18.98 -1.89
C VAL D 31 11.70 18.87 -0.85
N ASN D 32 12.36 17.72 -0.90
CA ASN D 32 13.59 17.47 -0.19
C ASN D 32 14.75 17.75 -1.14
N CYS D 33 15.98 17.78 -0.59
CA CYS D 33 17.17 18.08 -1.38
C CYS D 33 17.91 16.82 -1.90
N VAL D 34 17.33 15.62 -1.73
CA VAL D 34 18.02 14.39 -2.13
C VAL D 34 17.38 13.65 -3.29
N GLY D 35 16.52 14.32 -4.02
CA GLY D 35 16.16 13.82 -5.34
C GLY D 35 15.06 12.80 -5.32
N VAL D 36 14.21 12.85 -4.29
CA VAL D 36 13.12 11.90 -4.15
C VAL D 36 11.78 12.62 -3.95
N MET D 37 10.83 12.31 -4.84
CA MET D 37 9.45 12.75 -4.74
C MET D 37 8.61 11.47 -4.68
N GLY D 38 8.54 10.91 -3.49
CA GLY D 38 7.97 9.59 -3.29
C GLY D 38 6.61 9.53 -2.64
N LYS D 39 6.17 10.57 -1.95
CA LYS D 39 4.84 10.57 -1.40
C LYS D 39 4.27 11.98 -1.35
N GLY D 40 3.00 12.07 -0.97
CA GLY D 40 2.34 13.33 -0.79
C GLY D 40 2.24 14.12 -2.08
N ILE D 41 2.21 15.44 -1.96
CA ILE D 41 1.95 16.29 -3.09
C ILE D 41 3.10 16.19 -4.11
N ALA D 42 4.32 16.03 -3.63
CA ALA D 42 5.46 15.85 -4.51
C ALA D 42 5.30 14.65 -5.46
N LEU D 43 4.76 13.53 -4.95
CA LEU D 43 4.47 12.39 -5.81
C LEU D 43 3.52 12.78 -6.93
N GLN D 44 2.47 13.53 -6.61
CA GLN D 44 1.53 13.99 -7.62
CA GLN D 44 1.52 14.02 -7.61
C GLN D 44 2.23 14.88 -8.66
N PHE D 45 3.11 15.77 -8.22
CA PHE D 45 3.89 16.61 -9.17
C PHE D 45 4.79 15.77 -10.08
N LYS D 46 5.41 14.73 -9.54
CA LYS D 46 6.25 13.84 -10.33
C LYS D 46 5.46 13.15 -11.44
N ARG D 47 4.26 12.70 -11.10
CA ARG D 47 3.42 11.99 -12.07
C ARG D 47 2.89 12.90 -13.17
N ARG D 48 2.61 14.16 -12.83
CA ARG D 48 2.12 15.11 -13.82
C ARG D 48 3.23 15.73 -14.66
N TYR D 49 4.42 15.94 -14.08
CA TYR D 49 5.51 16.68 -14.75
C TYR D 49 6.82 15.87 -14.71
N PRO D 50 6.86 14.74 -15.42
CA PRO D 50 8.03 13.84 -15.36
C PRO D 50 9.36 14.47 -15.79
N GLU D 51 9.30 15.42 -16.74
CA GLU D 51 10.50 16.12 -17.18
C GLU D 51 11.02 17.04 -16.10
N MET D 52 10.10 17.73 -15.44
CA MET D 52 10.42 18.50 -14.25
C MET D 52 11.14 17.65 -13.22
N PHE D 53 10.60 16.47 -12.91
CA PHE D 53 11.27 15.57 -11.92
C PHE D 53 12.69 15.17 -12.33
N THR D 54 12.86 14.83 -13.61
CA THR D 54 14.16 14.44 -14.15
C THR D 54 15.14 15.59 -13.98
N ALA D 55 14.68 16.82 -14.22
CA ALA D 55 15.55 17.99 -14.02
C ALA D 55 15.91 18.18 -12.53
N TYR D 56 14.90 18.15 -11.68
CA TYR D 56 15.06 18.17 -10.20
C TYR D 56 16.01 17.10 -9.68
N GLU D 57 15.88 15.88 -10.17
CA GLU D 57 16.72 14.79 -9.72
C GLU D 57 18.17 15.08 -10.13
N LYS D 58 18.40 15.57 -11.35
CA LYS D 58 19.77 15.92 -11.75
C LYS D 58 20.35 16.98 -10.85
N ALA D 59 19.57 18.01 -10.58
CA ALA D 59 20.01 19.13 -9.75
C ALA D 59 20.29 18.73 -8.34
N CYS D 60 19.49 17.78 -7.81
CA CYS D 60 19.76 17.25 -6.49
C CYS D 60 21.06 16.45 -6.42
N LYS D 61 21.32 15.60 -7.42
CA LYS D 61 22.61 14.79 -7.47
C LYS D 61 23.80 15.75 -7.54
N ARG D 62 23.64 16.89 -8.21
CA ARG D 62 24.73 17.85 -8.30
C ARG D 62 24.79 18.86 -7.14
N GLY D 63 23.92 18.74 -6.14
CA GLY D 63 23.98 19.61 -4.96
C GLY D 63 23.43 21.01 -5.17
N GLU D 64 22.63 21.20 -6.22
CA GLU D 64 22.12 22.53 -6.63
C GLU D 64 20.86 22.93 -5.85
N VAL D 65 20.17 21.93 -5.28
CA VAL D 65 18.93 22.12 -4.50
C VAL D 65 19.27 22.18 -3.02
N THR D 66 18.95 23.31 -2.40
CA THR D 66 19.26 23.62 -1.03
C THR D 66 18.13 24.36 -0.37
N ILE D 67 18.11 24.25 0.95
CA ILE D 67 17.26 25.09 1.78
C ILE D 67 17.51 26.55 1.47
N GLY D 68 16.44 27.27 1.20
CA GLY D 68 16.48 28.73 1.05
C GLY D 68 16.57 29.21 -0.37
N LYS D 69 16.47 28.27 -1.31
CA LYS D 69 16.59 28.55 -2.73
CA LYS D 69 16.55 28.59 -2.74
C LYS D 69 15.53 27.74 -3.51
N MET D 70 14.69 28.43 -4.27
CA MET D 70 13.70 27.78 -5.09
C MET D 70 14.38 27.14 -6.28
N PHE D 71 13.87 25.97 -6.66
CA PHE D 71 14.28 25.32 -7.91
C PHE D 71 13.12 25.40 -8.88
N VAL D 72 13.24 26.27 -9.86
CA VAL D 72 12.14 26.64 -10.72
C VAL D 72 12.25 25.98 -12.09
N VAL D 73 11.15 25.45 -12.60
CA VAL D 73 11.13 24.80 -13.90
C VAL D 73 9.89 25.28 -14.67
N ASP D 74 10.04 25.51 -15.96
CA ASP D 74 8.95 25.86 -16.81
C ASP D 74 8.26 24.62 -17.29
N THR D 75 6.93 24.65 -17.27
CA THR D 75 6.12 23.53 -17.76
C THR D 75 6.07 23.48 -19.30
N GLY D 76 6.13 24.65 -19.95
CA GLY D 76 5.96 24.73 -21.40
C GLY D 76 4.55 24.40 -21.86
N GLN D 77 3.56 24.59 -20.97
CA GLN D 77 2.17 24.32 -21.28
C GLN D 77 1.53 25.62 -21.80
N LEU D 78 0.83 25.52 -22.93
CA LEU D 78 0.01 26.60 -23.46
C LEU D 78 -1.14 26.95 -22.50
N ASP D 79 -1.70 25.92 -21.89
CA ASP D 79 -2.85 26.04 -20.98
C ASP D 79 -2.41 25.67 -19.57
N GLY D 80 -2.76 26.51 -18.60
CA GLY D 80 -2.47 26.22 -17.20
C GLY D 80 -1.10 26.70 -16.76
N PRO D 81 -0.63 26.15 -15.65
CA PRO D 81 0.54 26.71 -15.00
C PRO D 81 1.73 26.75 -15.88
N LYS D 82 2.44 27.89 -15.87
CA LYS D 82 3.70 28.04 -16.61
C LYS D 82 4.94 27.61 -15.83
N HIS D 83 4.89 27.72 -14.50
CA HIS D 83 6.05 27.44 -13.65
C HIS D 83 5.73 26.53 -12.51
N ILE D 84 6.64 25.60 -12.23
CA ILE D 84 6.64 24.84 -11.02
C ILE D 84 7.78 25.36 -10.17
N ILE D 85 7.47 25.85 -8.98
CA ILE D 85 8.44 26.36 -8.02
C ILE D 85 8.59 25.29 -6.94
N ASN D 86 9.68 24.55 -7.01
CA ASN D 86 9.97 23.52 -6.04
C ASN D 86 10.60 24.17 -4.85
N PHE D 87 9.87 24.19 -3.75
CA PHE D 87 10.28 24.83 -2.50
C PHE D 87 10.86 23.76 -1.56
N PRO D 88 12.17 23.84 -1.23
CA PRO D 88 12.71 22.84 -0.30
C PRO D 88 12.26 23.03 1.14
N THR D 89 11.53 22.06 1.65
CA THR D 89 11.06 22.06 3.03
C THR D 89 11.86 21.11 3.91
N LYS D 90 12.70 20.29 3.28
CA LYS D 90 13.59 19.34 4.00
C LYS D 90 14.89 19.16 3.26
N LYS D 91 15.88 18.74 4.02
CA LYS D 91 17.16 18.33 3.50
C LYS D 91 17.03 16.89 3.03
N HIS D 92 17.32 15.94 3.92
CA HIS D 92 16.99 14.53 3.68
C HIS D 92 15.52 14.32 4.07
N TRP D 93 14.84 13.42 3.34
CA TRP D 93 13.44 13.12 3.64
C TRP D 93 13.25 12.42 4.99
N ARG D 94 14.22 11.61 5.40
CA ARG D 94 14.27 11.08 6.76
C ARG D 94 14.04 12.08 7.87
N ALA D 95 14.56 13.30 7.70
CA ALA D 95 14.52 14.30 8.78
C ALA D 95 13.29 15.18 8.62
N PRO D 96 12.85 15.83 9.71
CA PRO D 96 11.70 16.68 9.60
C PRO D 96 12.03 18.05 9.00
N SER D 97 10.95 18.79 8.74
CA SER D 97 11.08 20.15 8.28
C SER D 97 11.33 21.00 9.51
N LYS D 98 11.64 22.28 9.27
CA LYS D 98 11.78 23.27 10.33
C LYS D 98 11.29 24.63 9.86
N LEU D 99 10.82 25.42 10.82
CA LEU D 99 10.33 26.75 10.56
C LEU D 99 11.36 27.65 9.95
N ALA D 100 12.61 27.52 10.39
CA ALA D 100 13.73 28.22 9.77
C ALA D 100 13.89 27.92 8.24
N TYR D 101 13.56 26.71 7.80
CA TYR D 101 13.61 26.35 6.38
C TYR D 101 12.52 27.02 5.55
N ILE D 102 11.36 27.21 6.18
CA ILE D 102 10.24 27.91 5.59
C ILE D 102 10.57 29.40 5.52
N ASP D 103 11.09 29.97 6.62
CA ASP D 103 11.51 31.38 6.61
C ASP D 103 12.49 31.70 5.50
N ALA D 104 13.49 30.84 5.34
CA ALA D 104 14.53 31.08 4.34
C ALA D 104 14.00 30.88 2.92
N GLY D 105 13.19 29.84 2.70
CA GLY D 105 12.60 29.62 1.39
C GLY D 105 11.68 30.76 0.95
N LEU D 106 10.92 31.33 1.89
CA LEU D 106 9.92 32.36 1.55
C LEU D 106 10.62 33.59 1.01
N ILE D 107 11.78 33.92 1.58
CA ILE D 107 12.56 35.00 1.07
C ILE D 107 12.80 34.79 -0.44
N ASP D 108 13.28 33.61 -0.83
CA ASP D 108 13.57 33.37 -2.25
C ASP D 108 12.31 33.13 -3.08
N LEU D 109 11.26 32.60 -2.48
CA LEU D 109 9.99 32.51 -3.20
C LEU D 109 9.48 33.89 -3.64
N ILE D 110 9.52 34.87 -2.75
CA ILE D 110 9.14 36.23 -3.08
C ILE D 110 10.04 36.79 -4.20
N ARG D 111 11.34 36.59 -4.05
CA ARG D 111 12.29 37.06 -5.04
C ARG D 111 11.99 36.46 -6.42
N VAL D 112 11.67 35.18 -6.47
CA VAL D 112 11.43 34.51 -7.75
C VAL D 112 10.11 34.96 -8.41
N ILE D 113 9.08 35.18 -7.59
CA ILE D 113 7.83 35.69 -8.11
C ILE D 113 7.99 37.09 -8.75
N ARG D 114 8.79 37.95 -8.11
CA ARG D 114 9.10 39.29 -8.66
C ARG D 114 9.87 39.21 -9.94
N GLU D 115 10.98 38.51 -9.86
CA GLU D 115 11.85 38.34 -10.99
C GLU D 115 11.21 37.72 -12.25
N LEU D 116 10.30 36.78 -12.11
CA LEU D 116 9.60 36.19 -13.26
C LEU D 116 8.27 36.89 -13.60
N ASN D 117 7.94 37.95 -12.88
CA ASN D 117 6.63 38.64 -12.95
C ASN D 117 5.42 37.72 -12.90
N ILE D 118 5.43 36.78 -11.97
CA ILE D 118 4.33 35.86 -11.80
C ILE D 118 3.15 36.67 -11.21
N ALA D 119 1.99 36.55 -11.84
CA ALA D 119 0.75 37.19 -11.40
C ALA D 119 -0.04 36.41 -10.38
N SER D 120 0.15 35.09 -10.34
CA SER D 120 -0.66 34.24 -9.47
C SER D 120 0.04 32.95 -9.16
N VAL D 121 -0.17 32.46 -7.94
CA VAL D 121 0.53 31.28 -7.46
C VAL D 121 -0.35 30.50 -6.46
N ALA D 122 -0.26 29.18 -6.53
CA ALA D 122 -0.96 28.28 -5.59
C ALA D 122 0.08 27.65 -4.70
N VAL D 123 -0.18 27.69 -3.39
CA VAL D 123 0.78 27.27 -2.39
C VAL D 123 0.19 26.20 -1.47
N PRO D 124 0.92 25.10 -1.23
CA PRO D 124 0.45 24.03 -0.34
C PRO D 124 0.86 24.33 1.08
N PRO D 125 0.39 23.54 2.03
CA PRO D 125 0.77 23.79 3.44
C PRO D 125 2.20 23.32 3.74
N LEU D 126 3.14 24.19 3.45
CA LEU D 126 4.55 23.85 3.41
C LEU D 126 5.06 23.20 4.72
N GLY D 127 5.59 21.98 4.61
CA GLY D 127 6.15 21.28 5.75
C GLY D 127 5.15 20.77 6.81
N VAL D 128 3.85 20.83 6.53
CA VAL D 128 2.84 20.35 7.47
C VAL D 128 2.48 18.89 7.14
N GLY D 129 2.37 18.06 8.16
CA GLY D 129 2.07 16.64 7.96
C GLY D 129 3.37 15.87 7.75
N ASN D 130 3.78 15.71 6.49
CA ASN D 130 5.07 15.06 6.13
C ASN D 130 6.24 15.61 6.94
N GLY D 131 6.33 16.93 7.04
CA GLY D 131 7.41 17.60 7.74
C GLY D 131 7.23 17.83 9.23
N GLY D 132 6.02 17.62 9.75
CA GLY D 132 5.71 17.80 11.18
C GLY D 132 5.56 19.22 11.71
N LEU D 133 5.37 20.23 10.86
CA LEU D 133 5.17 21.63 11.34
C LEU D 133 3.71 21.92 11.69
N ASP D 134 3.50 22.93 12.51
CA ASP D 134 2.16 23.39 12.86
C ASP D 134 1.59 24.31 11.75
N TRP D 135 0.37 24.01 11.29
CA TRP D 135 -0.28 24.77 10.23
C TRP D 135 -0.37 26.26 10.55
N GLU D 136 -0.86 26.56 11.73
CA GLU D 136 -1.08 27.93 12.10
C GLU D 136 0.23 28.73 12.01
N ASP D 137 1.36 28.09 12.33
CA ASP D 137 2.66 28.76 12.26
C ASP D 137 3.04 29.10 10.84
N VAL D 138 2.87 28.11 9.99
CA VAL D 138 3.20 28.22 8.59
C VAL D 138 2.27 29.19 7.91
N GLU D 139 0.98 29.11 8.23
CA GLU D 139 -0.01 29.97 7.62
C GLU D 139 0.32 31.43 7.89
N GLN D 140 0.72 31.75 9.12
CA GLN D 140 1.14 33.12 9.45
C GLN D 140 2.26 33.59 8.55
N ARG D 141 3.28 32.76 8.38
CA ARG D 141 4.40 33.13 7.55
C ARG D 141 4.06 33.27 6.09
N LEU D 142 3.21 32.37 5.58
CA LEU D 142 2.77 32.48 4.21
C LEU D 142 2.05 33.79 3.97
N VAL D 143 1.12 34.12 4.85
CA VAL D 143 0.29 35.30 4.69
C VAL D 143 1.17 36.53 4.73
N SER D 144 2.08 36.57 5.72
CA SER D 144 3.08 37.65 5.84
C SER D 144 3.89 37.83 4.60
N ALA D 145 4.45 36.75 4.09
CA ALA D 145 5.29 36.85 2.87
C ALA D 145 4.50 37.45 1.69
N PHE D 146 3.26 37.00 1.48
CA PHE D 146 2.46 37.47 0.33
C PHE D 146 1.91 38.88 0.49
N GLN D 147 1.83 39.39 1.71
CA GLN D 147 1.57 40.80 1.90
C GLN D 147 2.67 41.73 1.35
N GLN D 148 3.87 41.20 1.13
CA GLN D 148 4.88 41.91 0.37
C GLN D 148 4.69 41.86 -1.17
N LEU D 149 3.70 41.13 -1.66
CA LEU D 149 3.43 41.07 -3.08
C LEU D 149 1.97 41.43 -3.29
N PRO D 150 1.63 42.73 -3.07
CA PRO D 150 0.24 43.17 -3.16
C PRO D 150 -0.45 43.00 -4.54
N ASP D 151 0.29 42.83 -5.62
CA ASP D 151 -0.32 42.59 -6.95
C ASP D 151 -0.33 41.12 -7.41
N VAL D 152 -0.01 40.19 -6.51
CA VAL D 152 -0.02 38.77 -6.85
C VAL D 152 -1.23 38.14 -6.21
N ASP D 153 -1.96 37.29 -6.95
CA ASP D 153 -2.99 36.46 -6.35
C ASP D 153 -2.31 35.20 -5.78
N ALA D 154 -2.49 34.93 -4.50
CA ALA D 154 -1.93 33.78 -3.85
C ALA D 154 -3.10 32.95 -3.38
N VAL D 155 -3.16 31.71 -3.83
CA VAL D 155 -4.14 30.76 -3.34
C VAL D 155 -3.42 29.81 -2.41
N ILE D 156 -3.80 29.85 -1.13
CA ILE D 156 -3.16 29.06 -0.10
C ILE D 156 -4.08 27.89 0.28
N TYR D 157 -3.55 26.67 0.14
CA TYR D 157 -4.29 25.43 0.38
C TYR D 157 -4.03 24.95 1.79
N PRO D 158 -5.04 24.95 2.66
CA PRO D 158 -4.82 24.38 4.00
C PRO D 158 -4.63 22.86 3.98
N PRO D 159 -4.24 22.25 5.12
CA PRO D 159 -4.11 20.78 5.15
C PRO D 159 -5.44 20.14 4.79
N SER D 160 -5.42 19.13 3.92
CA SER D 160 -6.63 18.47 3.31
C SER D 160 -7.96 18.54 4.12
CL CL E . 7.73 1.10 -10.09
CL CL F . 12.75 11.33 24.00
CL CL G . -21.38 1.43 -16.97
#